data_6SC7
#
_entry.id   6SC7
#
_cell.length_a   65.712
_cell.length_b   86.701
_cell.length_c   240.551
_cell.angle_alpha   90.000
_cell.angle_beta   90.000
_cell.angle_gamma   90.000
#
_symmetry.space_group_name_H-M   'I 2 2 2'
#
loop_
_entity.id
_entity.type
_entity.pdbx_description
1 polymer 'E3 ubiquitin-protein ligase RNF31'
2 polymer 'Single domain antibody'
3 non-polymer '[2-[3-(cyclooct-4-en-1-yloxycarbonylamino)propylamino]-2-oxidanylidene-ethyl] (~{E})-4-[(2-oxidanylidene-5,6,7,8-tetrahydro-1~{H}-quinolin-3-yl)carbonylamino]but-2-enoate'
4 non-polymer 'ZINC ION'
5 non-polymer 'SULFATE ION'
6 non-polymer 'CHLORIDE ION'
7 water water
#
loop_
_entity_poly.entity_id
_entity_poly.type
_entity_poly.pdbx_seq_one_letter_code
_entity_poly.pdbx_strand_id
1 'polypeptide(L)'
;QECAVCGWALPHNRMQALTSCECTICPDCFRQHFTIALKEKHITDMVCPACGRPDLTDDTQLLSYFSTLDIQLRESLEPD
AYALFHKKLTEGVLMRDPKFLWCAQCSFGFIYEREQLEATCPQCHQTFCVRCKRQWEEQHRGRSCEDFQNWKRMNDPEYQ
AQGLAMYLQENGIDCPKCKFSYALARGGCMHFHCTQCRHQFCSGCYNAFYAKNKCPEPNCRVKKSLHGHHPRDCLFYLRD
WTALRLQKLLQDNNVMFNTEPPAGARAVPGGGCRVIEQKEVPNGLRDEACGKETPAGYAGLCQAHYKEYLVSLINAHSLD
PATLYEVEELETATERYLHVRPQPLAGEDPPAYQARLLQKLTEEVPLGQSIPRRRK
;
A
2 'polypeptide(L)'
;EVQLLESGGGLVQPGGSLRLSCAASGFTFRGYSMAWVRQAPGKGLEWVSTISPIGTYTYYADSVKGRFTISRDNSKNTLY
LQMNSLRAEDTAVYYCAKGSYSRGTPFDYWGQGTLVTVSS
;
B,C
#
loop_
_chem_comp.id
_chem_comp.type
_chem_comp.name
_chem_comp.formula
CL non-polymer 'CHLORIDE ION' 'Cl -1'
L6H non-polymer '[2-[3-(cyclooct-4-en-1-yloxycarbonylamino)propylamino]-2-oxidanylidene-ethyl] (~{E})-4-[(2-oxidanylidene-5,6,7,8-tetrahydro-1~{H}-quinolin-3-yl)carbonylamino]but-2-enoate' 'C28 H38 N4 O7'
SO4 non-polymer 'SULFATE ION' 'O4 S -2'
ZN non-polymer 'ZINC ION' 'Zn 2'
#
# COMPACT_ATOMS: atom_id res chain seq x y z
N GLN A 1 -22.11 -27.41 -33.95
CA GLN A 1 -21.90 -25.98 -34.12
C GLN A 1 -23.21 -25.26 -34.38
N GLU A 2 -24.26 -25.69 -33.70
CA GLU A 2 -25.58 -25.08 -33.79
C GLU A 2 -26.03 -24.62 -32.42
N CYS A 3 -26.79 -23.53 -32.39
CA CYS A 3 -27.37 -23.05 -31.15
C CYS A 3 -28.48 -23.98 -30.70
N ALA A 4 -28.35 -24.52 -29.47
CA ALA A 4 -29.20 -25.61 -29.01
C ALA A 4 -30.65 -25.20 -28.82
N VAL A 5 -30.97 -23.92 -28.88
CA VAL A 5 -32.35 -23.47 -28.76
C VAL A 5 -32.92 -22.95 -30.07
N CYS A 6 -32.11 -22.32 -30.92
CA CYS A 6 -32.63 -21.77 -32.17
C CYS A 6 -32.09 -22.45 -33.41
N GLY A 7 -31.10 -23.32 -33.30
CA GLY A 7 -30.58 -24.03 -34.44
C GLY A 7 -29.65 -23.22 -35.33
N TRP A 8 -29.47 -21.93 -35.06
CA TRP A 8 -28.63 -21.07 -35.89
C TRP A 8 -27.21 -21.64 -35.98
N ALA A 9 -26.71 -21.74 -37.21
CA ALA A 9 -25.37 -22.27 -37.46
C ALA A 9 -24.35 -21.16 -37.23
N LEU A 10 -23.68 -21.21 -36.08
CA LEU A 10 -22.62 -20.28 -35.74
C LEU A 10 -21.37 -21.04 -35.36
N PRO A 11 -20.19 -20.43 -35.53
CA PRO A 11 -18.96 -21.05 -35.03
C PRO A 11 -19.01 -21.19 -33.52
N HIS A 12 -18.20 -22.12 -33.00
CA HIS A 12 -18.19 -22.36 -31.56
C HIS A 12 -17.73 -21.15 -30.78
N ASN A 13 -16.81 -20.37 -31.34
CA ASN A 13 -16.31 -19.18 -30.67
C ASN A 13 -17.25 -17.99 -30.77
N ARG A 14 -18.35 -18.11 -31.49
CA ARG A 14 -19.34 -17.04 -31.61
C ARG A 14 -20.62 -17.33 -30.83
N MET A 15 -20.62 -18.37 -29.99
CA MET A 15 -21.75 -18.73 -29.15
C MET A 15 -21.33 -18.72 -27.69
N GLN A 16 -22.32 -18.83 -26.81
CA GLN A 16 -22.09 -18.81 -25.37
C GLN A 16 -21.85 -20.24 -24.89
N ALA A 17 -20.61 -20.55 -24.53
CA ALA A 17 -20.25 -21.87 -24.01
C ALA A 17 -20.69 -21.93 -22.56
N LEU A 18 -21.87 -22.49 -22.31
CA LEU A 18 -22.39 -22.57 -20.95
C LEU A 18 -21.58 -23.59 -20.17
N THR A 19 -20.84 -23.11 -19.18
CA THR A 19 -19.92 -23.98 -18.44
C THR A 19 -20.66 -25.08 -17.69
N SER A 20 -21.88 -24.81 -17.23
CA SER A 20 -22.61 -25.78 -16.41
C SER A 20 -23.06 -26.99 -17.22
N CYS A 21 -23.69 -26.78 -18.37
CA CYS A 21 -24.22 -27.92 -19.12
C CYS A 21 -23.52 -28.16 -20.44
N GLU A 22 -22.59 -27.28 -20.82
CA GLU A 22 -21.88 -27.36 -22.09
C GLU A 22 -22.85 -27.44 -23.27
N CYS A 23 -23.77 -26.49 -23.32
CA CYS A 23 -24.55 -26.22 -24.52
C CYS A 23 -23.84 -25.18 -25.37
N THR A 24 -24.42 -24.88 -26.53
CA THR A 24 -23.94 -23.81 -27.40
C THR A 24 -25.15 -22.94 -27.70
N ILE A 25 -25.21 -21.77 -27.07
CA ILE A 25 -26.36 -20.87 -27.16
C ILE A 25 -25.90 -19.58 -27.82
N CYS A 26 -26.67 -19.13 -28.83
CA CYS A 26 -26.35 -17.88 -29.50
C CYS A 26 -26.55 -16.70 -28.55
N PRO A 27 -25.88 -15.58 -28.81
CA PRO A 27 -26.00 -14.43 -27.90
C PRO A 27 -27.40 -13.88 -27.78
N ASP A 28 -28.22 -13.99 -28.82
CA ASP A 28 -29.56 -13.40 -28.78
C ASP A 28 -30.48 -14.17 -27.84
N CYS A 29 -30.56 -15.49 -28.01
CA CYS A 29 -31.41 -16.30 -27.15
C CYS A 29 -30.89 -16.35 -25.72
N PHE A 30 -29.57 -16.23 -25.54
CA PHE A 30 -29.02 -16.13 -24.19
C PHE A 30 -29.54 -14.88 -23.49
N ARG A 31 -29.54 -13.74 -24.19
CA ARG A 31 -30.12 -12.53 -23.63
C ARG A 31 -31.62 -12.68 -23.40
N GLN A 32 -32.30 -13.35 -24.33
CA GLN A 32 -33.77 -13.38 -24.29
C GLN A 32 -34.28 -14.17 -23.10
N HIS A 33 -33.71 -15.35 -22.86
CA HIS A 33 -34.26 -16.23 -21.82
C HIS A 33 -33.99 -15.69 -20.42
N PHE A 34 -32.75 -15.29 -20.15
CA PHE A 34 -32.40 -14.86 -18.79
C PHE A 34 -32.95 -13.49 -18.44
N THR A 35 -33.28 -12.67 -19.43
CA THR A 35 -33.91 -11.38 -19.13
C THR A 35 -35.36 -11.55 -18.70
N ILE A 36 -36.11 -12.40 -19.40
CA ILE A 36 -37.51 -12.60 -19.05
C ILE A 36 -37.63 -13.44 -17.79
N ALA A 37 -36.65 -14.31 -17.52
CA ALA A 37 -36.70 -15.13 -16.32
C ALA A 37 -36.52 -14.30 -15.05
N LEU A 38 -35.87 -13.14 -15.17
CA LEU A 38 -35.65 -12.26 -14.02
C LEU A 38 -36.74 -11.21 -13.87
N LYS A 39 -37.23 -10.67 -14.98
CA LYS A 39 -38.23 -9.61 -14.93
C LYS A 39 -39.64 -10.14 -14.71
N GLU A 40 -39.89 -11.41 -15.00
CA GLU A 40 -41.25 -11.95 -14.86
C GLU A 40 -41.31 -13.32 -14.19
N LYS A 41 -40.20 -14.01 -14.00
CA LYS A 41 -40.18 -15.29 -13.30
C LYS A 41 -39.33 -15.14 -12.03
N HIS A 42 -39.08 -16.27 -11.37
CA HIS A 42 -38.21 -16.31 -10.20
C HIS A 42 -36.80 -16.75 -10.59
N ILE A 43 -35.85 -16.42 -9.73
CA ILE A 43 -34.45 -16.74 -10.02
C ILE A 43 -34.20 -18.24 -10.01
N THR A 44 -35.05 -19.02 -9.32
CA THR A 44 -34.93 -20.47 -9.40
C THR A 44 -35.27 -21.00 -10.78
N ASP A 45 -35.92 -20.20 -11.62
CA ASP A 45 -36.26 -20.60 -12.99
C ASP A 45 -35.18 -20.24 -13.99
N MET A 46 -33.94 -20.01 -13.54
CA MET A 46 -32.83 -19.61 -14.41
C MET A 46 -31.97 -20.79 -14.82
N VAL A 47 -32.58 -21.92 -15.16
CA VAL A 47 -31.82 -23.05 -15.68
C VAL A 47 -31.46 -22.76 -17.14
N CYS A 48 -30.76 -23.68 -17.78
CA CYS A 48 -30.40 -23.49 -19.17
C CYS A 48 -31.64 -23.64 -20.05
N PRO A 49 -31.89 -22.72 -21.00
CA PRO A 49 -33.10 -22.82 -21.82
C PRO A 49 -33.13 -24.04 -22.72
N ALA A 50 -31.98 -24.62 -23.06
CA ALA A 50 -31.96 -25.78 -23.94
C ALA A 50 -32.31 -27.05 -23.18
N CYS A 51 -31.55 -27.38 -22.13
CA CYS A 51 -31.78 -28.59 -21.37
C CYS A 51 -32.65 -28.34 -20.15
N GLY A 52 -32.14 -27.56 -19.20
CA GLY A 52 -32.85 -27.28 -17.97
C GLY A 52 -32.09 -27.70 -16.74
N ARG A 53 -30.76 -27.75 -16.84
CA ARG A 53 -29.91 -28.13 -15.73
C ARG A 53 -29.46 -26.91 -14.93
N LEU A 62 -28.22 -24.31 -5.59
CA LEU A 62 -26.77 -24.43 -5.62
C LEU A 62 -26.13 -23.09 -6.00
N LEU A 63 -25.01 -22.76 -5.36
CA LEU A 63 -24.42 -21.43 -5.47
C LEU A 63 -23.18 -21.37 -6.36
N SER A 64 -22.57 -22.50 -6.70
CA SER A 64 -21.46 -22.46 -7.64
C SER A 64 -21.95 -22.42 -9.10
N TYR A 65 -23.21 -22.77 -9.35
CA TYR A 65 -23.80 -22.51 -10.65
C TYR A 65 -23.99 -21.01 -10.87
N PHE A 66 -24.50 -20.31 -9.85
CA PHE A 66 -24.69 -18.87 -9.96
C PHE A 66 -23.36 -18.14 -10.09
N SER A 67 -22.29 -18.68 -9.50
CA SER A 67 -20.99 -18.04 -9.62
C SER A 67 -20.47 -18.10 -11.05
N THR A 68 -20.61 -19.25 -11.71
CA THR A 68 -20.18 -19.36 -13.10
C THR A 68 -21.17 -18.66 -14.03
N LEU A 69 -22.46 -18.66 -13.70
CA LEU A 69 -23.45 -17.99 -14.54
C LEU A 69 -23.33 -16.48 -14.43
N ASP A 70 -22.89 -15.97 -13.28
CA ASP A 70 -22.74 -14.53 -13.11
C ASP A 70 -21.76 -13.93 -14.11
N ILE A 71 -20.73 -14.70 -14.49
CA ILE A 71 -19.75 -14.21 -15.46
C ILE A 71 -20.41 -14.00 -16.83
N GLN A 72 -21.17 -15.00 -17.29
CA GLN A 72 -21.81 -14.90 -18.60
C GLN A 72 -22.96 -13.90 -18.58
N LEU A 73 -23.67 -13.78 -17.44
CA LEU A 73 -24.73 -12.79 -17.34
C LEU A 73 -24.17 -11.37 -17.39
N ARG A 74 -22.97 -11.15 -16.86
CA ARG A 74 -22.36 -9.83 -16.93
C ARG A 74 -22.06 -9.42 -18.36
N GLU A 75 -21.77 -10.38 -19.24
CA GLU A 75 -21.37 -10.04 -20.60
C GLU A 75 -22.56 -9.74 -21.50
N SER A 76 -23.63 -10.55 -21.43
CA SER A 76 -24.73 -10.45 -22.37
C SER A 76 -25.89 -9.59 -21.86
N LEU A 77 -26.16 -9.65 -20.56
CA LEU A 77 -27.30 -8.90 -20.02
C LEU A 77 -27.04 -7.40 -20.04
N GLU A 78 -28.13 -6.63 -19.95
CA GLU A 78 -28.04 -5.19 -19.89
C GLU A 78 -27.62 -4.76 -18.48
N PRO A 79 -27.12 -3.53 -18.32
CA PRO A 79 -26.74 -3.07 -16.98
C PRO A 79 -27.87 -3.12 -15.97
N ASP A 80 -29.09 -2.75 -16.36
CA ASP A 80 -30.21 -2.80 -15.41
C ASP A 80 -30.72 -4.22 -15.20
N ALA A 81 -30.60 -5.08 -16.21
CA ALA A 81 -30.94 -6.49 -16.02
C ALA A 81 -29.91 -7.18 -15.14
N TYR A 82 -28.64 -6.78 -15.24
CA TYR A 82 -27.60 -7.35 -14.39
C TYR A 82 -27.77 -6.93 -12.94
N ALA A 83 -28.29 -5.72 -12.71
CA ALA A 83 -28.53 -5.28 -11.34
C ALA A 83 -29.72 -5.99 -10.72
N LEU A 84 -30.71 -6.36 -11.54
CA LEU A 84 -31.85 -7.12 -11.03
C LEU A 84 -31.45 -8.55 -10.65
N PHE A 85 -30.44 -9.11 -11.33
CA PHE A 85 -29.96 -10.44 -10.99
C PHE A 85 -29.24 -10.45 -9.65
N HIS A 86 -28.50 -9.38 -9.33
CA HIS A 86 -27.88 -9.28 -8.03
C HIS A 86 -28.92 -9.09 -6.93
N LYS A 87 -30.00 -8.37 -7.23
CA LYS A 87 -31.02 -8.09 -6.23
C LYS A 87 -31.73 -9.36 -5.80
N LYS A 88 -32.14 -10.19 -6.76
CA LYS A 88 -32.86 -11.41 -6.43
C LYS A 88 -31.91 -12.46 -5.86
N LEU A 89 -30.67 -12.50 -6.34
CA LEU A 89 -29.68 -13.36 -5.71
C LEU A 89 -29.44 -12.97 -4.27
N THR A 90 -29.53 -11.68 -3.96
CA THR A 90 -29.37 -11.21 -2.59
C THR A 90 -30.64 -11.42 -1.78
N GLU A 91 -31.79 -11.06 -2.33
CA GLU A 91 -33.05 -11.09 -1.60
C GLU A 91 -33.75 -12.43 -1.66
N GLY A 92 -33.19 -13.44 -2.33
CA GLY A 92 -33.89 -14.69 -2.48
C GLY A 92 -33.07 -15.93 -2.23
N VAL A 93 -31.74 -15.80 -2.20
CA VAL A 93 -30.88 -16.96 -2.05
C VAL A 93 -29.91 -16.76 -0.91
N LEU A 94 -29.35 -15.56 -0.79
CA LEU A 94 -28.26 -15.30 0.14
C LEU A 94 -28.64 -14.47 1.36
N MET A 95 -29.71 -13.68 1.28
CA MET A 95 -30.09 -12.71 2.32
C MET A 95 -28.97 -11.71 2.60
N ARG A 96 -28.09 -11.48 1.63
CA ARG A 96 -26.96 -10.58 1.77
C ARG A 96 -26.30 -10.43 0.42
N ASP A 97 -25.34 -9.51 0.35
CA ASP A 97 -24.57 -9.33 -0.87
C ASP A 97 -23.70 -10.56 -1.13
N PRO A 98 -23.48 -10.91 -2.40
CA PRO A 98 -22.55 -12.00 -2.70
C PRO A 98 -21.12 -11.57 -2.41
N LYS A 99 -20.32 -12.51 -1.93
CA LYS A 99 -18.90 -12.26 -1.67
C LYS A 99 -18.17 -12.23 -3.01
N PHE A 100 -17.71 -11.05 -3.41
CA PHE A 100 -17.02 -10.86 -4.68
C PHE A 100 -15.52 -10.86 -4.43
N LEU A 101 -14.80 -11.74 -5.12
CA LEU A 101 -13.37 -11.89 -4.96
C LEU A 101 -12.64 -11.30 -6.16
N TRP A 102 -11.51 -10.64 -5.87
CA TRP A 102 -10.61 -10.14 -6.91
C TRP A 102 -9.34 -10.98 -6.90
N CYS A 103 -8.94 -11.48 -8.06
CA CYS A 103 -7.72 -12.26 -8.18
C CYS A 103 -6.54 -11.31 -8.33
N ALA A 104 -5.60 -11.36 -7.39
CA ALA A 104 -4.50 -10.40 -7.35
C ALA A 104 -3.54 -10.55 -8.51
N GLN A 105 -3.54 -11.69 -9.21
CA GLN A 105 -2.57 -11.94 -10.28
C GLN A 105 -3.12 -11.68 -11.67
N CYS A 106 -4.44 -11.81 -11.89
CA CYS A 106 -5.02 -11.56 -13.19
C CYS A 106 -6.14 -10.53 -13.16
N SER A 107 -6.44 -9.95 -12.00
CA SER A 107 -7.39 -8.85 -11.81
C SER A 107 -8.82 -9.21 -12.14
N PHE A 108 -9.14 -10.49 -12.30
CA PHE A 108 -10.50 -10.89 -12.62
C PHE A 108 -11.34 -10.95 -11.35
N GLY A 109 -12.55 -10.39 -11.42
CA GLY A 109 -13.49 -10.42 -10.31
C GLY A 109 -14.54 -11.49 -10.52
N PHE A 110 -14.86 -12.21 -9.44
CA PHE A 110 -15.80 -13.32 -9.53
C PHE A 110 -16.42 -13.56 -8.16
N ILE A 111 -17.60 -14.17 -8.18
CA ILE A 111 -18.31 -14.53 -6.95
C ILE A 111 -17.76 -15.84 -6.43
N TYR A 112 -17.52 -15.90 -5.12
CA TYR A 112 -17.00 -17.10 -4.46
C TYR A 112 -17.81 -17.33 -3.20
N GLU A 113 -18.65 -18.37 -3.21
CA GLU A 113 -19.52 -18.70 -2.08
C GLU A 113 -19.23 -20.08 -1.52
N ARG A 114 -17.96 -20.49 -1.54
CA ARG A 114 -17.55 -21.79 -1.02
C ARG A 114 -16.86 -21.61 0.33
N GLU A 115 -16.95 -22.66 1.16
CA GLU A 115 -16.41 -22.61 2.52
C GLU A 115 -14.90 -22.81 2.57
N GLN A 116 -14.28 -23.28 1.49
CA GLN A 116 -12.85 -23.52 1.49
C GLN A 116 -12.08 -22.20 1.53
N LEU A 117 -10.87 -22.25 2.11
CA LEU A 117 -10.04 -21.07 2.23
C LEU A 117 -9.31 -20.75 0.93
N GLU A 118 -9.05 -21.76 0.10
CA GLU A 118 -8.35 -21.57 -1.16
C GLU A 118 -9.36 -21.46 -2.29
N ALA A 119 -9.33 -20.34 -3.00
CA ALA A 119 -10.21 -20.09 -4.14
C ALA A 119 -9.40 -20.13 -5.43
N THR A 120 -9.99 -20.70 -6.47
CA THR A 120 -9.36 -20.79 -7.79
C THR A 120 -10.04 -19.81 -8.72
N CYS A 121 -9.24 -18.96 -9.36
CA CYS A 121 -9.79 -17.95 -10.24
C CYS A 121 -10.36 -18.59 -11.50
N PRO A 122 -11.58 -18.26 -11.91
CA PRO A 122 -12.14 -18.82 -13.15
C PRO A 122 -11.47 -18.29 -14.41
N GLN A 123 -10.56 -17.32 -14.30
CA GLN A 123 -9.88 -16.75 -15.46
C GLN A 123 -8.48 -17.31 -15.64
N CYS A 124 -7.61 -17.11 -14.66
CA CYS A 124 -6.23 -17.59 -14.74
C CYS A 124 -6.04 -18.98 -14.15
N HIS A 125 -7.09 -19.53 -13.51
CA HIS A 125 -7.07 -20.91 -12.99
C HIS A 125 -5.96 -21.13 -11.97
N GLN A 126 -5.65 -20.10 -11.18
CA GLN A 126 -4.68 -20.21 -10.10
C GLN A 126 -5.39 -20.14 -8.75
N THR A 127 -4.84 -20.85 -7.77
CA THR A 127 -5.44 -20.96 -6.45
C THR A 127 -4.80 -19.94 -5.52
N PHE A 128 -5.62 -19.23 -4.75
CA PHE A 128 -5.15 -18.25 -3.78
C PHE A 128 -6.02 -18.31 -2.54
N CYS A 129 -5.46 -17.84 -1.43
CA CYS A 129 -6.20 -17.79 -0.17
C CYS A 129 -7.18 -16.62 -0.18
N VAL A 130 -8.37 -16.86 0.36
CA VAL A 130 -9.43 -15.85 0.28
C VAL A 130 -9.12 -14.66 1.19
N ARG A 131 -8.39 -14.89 2.28
CA ARG A 131 -8.00 -13.79 3.17
C ARG A 131 -6.65 -13.20 2.78
N CYS A 132 -5.69 -14.05 2.43
CA CYS A 132 -4.37 -13.57 2.02
C CYS A 132 -4.41 -12.88 0.67
N LYS A 133 -5.11 -13.48 -0.30
CA LYS A 133 -5.01 -13.18 -1.72
C LYS A 133 -3.63 -13.50 -2.29
N ARG A 134 -2.74 -14.09 -1.49
CA ARG A 134 -1.48 -14.60 -2.01
C ARG A 134 -1.70 -15.94 -2.72
N GLN A 135 -0.80 -16.26 -3.64
CA GLN A 135 -0.88 -17.52 -4.34
C GLN A 135 -0.74 -18.69 -3.36
N TRP A 136 -1.57 -19.71 -3.54
CA TRP A 136 -1.66 -20.79 -2.57
C TRP A 136 -0.56 -21.82 -2.79
N GLU A 137 0.02 -22.27 -1.67
CA GLU A 137 0.99 -23.37 -1.67
C GLU A 137 0.65 -24.31 -0.53
N GLU A 138 1.11 -25.55 -0.64
CA GLU A 138 0.81 -26.55 0.38
C GLU A 138 1.40 -26.18 1.73
N GLN A 139 2.43 -25.32 1.76
CA GLN A 139 3.00 -24.89 3.03
C GLN A 139 2.06 -23.97 3.80
N HIS A 140 1.05 -23.39 3.14
CA HIS A 140 0.10 -22.53 3.81
C HIS A 140 -1.01 -23.32 4.50
N ARG A 141 -1.19 -24.58 4.15
CA ARG A 141 -2.25 -25.39 4.76
C ARG A 141 -1.94 -25.63 6.23
N GLY A 142 -2.93 -25.36 7.09
CA GLY A 142 -2.77 -25.52 8.52
C GLY A 142 -1.94 -24.45 9.19
N ARG A 143 -1.40 -23.51 8.45
CA ARG A 143 -0.59 -22.42 8.99
C ARG A 143 -1.38 -21.13 8.97
N SER A 144 -1.14 -20.29 9.97
CA SER A 144 -1.70 -18.94 9.94
C SER A 144 -1.15 -18.17 8.74
N CYS A 145 -1.94 -17.20 8.27
CA CYS A 145 -1.58 -16.42 7.09
C CYS A 145 -0.37 -15.55 7.35
N GLU A 146 -0.34 -14.86 8.49
CA GLU A 146 0.84 -14.08 8.87
C GLU A 146 2.07 -14.95 8.95
N ASP A 147 1.92 -16.20 9.39
CA ASP A 147 3.05 -17.13 9.38
C ASP A 147 3.47 -17.47 7.96
N PHE A 148 2.52 -17.52 7.03
CA PHE A 148 2.85 -17.93 5.67
C PHE A 148 3.65 -16.86 4.94
N GLN A 149 3.20 -15.60 5.01
CA GLN A 149 3.91 -14.53 4.32
C GLN A 149 5.27 -14.27 4.97
N ASN A 150 5.34 -14.39 6.30
CA ASN A 150 6.64 -14.29 6.96
C ASN A 150 7.54 -15.48 6.66
N TRP A 151 6.96 -16.60 6.22
CA TRP A 151 7.76 -17.73 5.77
C TRP A 151 8.33 -17.48 4.37
N LYS A 152 7.53 -16.88 3.48
CA LYS A 152 8.04 -16.52 2.16
C LYS A 152 9.06 -15.38 2.26
N ARG A 153 8.85 -14.45 3.19
CA ARG A 153 9.82 -13.37 3.38
C ARG A 153 11.12 -13.88 3.99
N MET A 154 11.05 -14.94 4.81
CA MET A 154 12.24 -15.52 5.40
C MET A 154 12.95 -16.48 4.46
N ASN A 155 12.36 -16.81 3.31
CA ASN A 155 12.96 -17.73 2.35
C ASN A 155 13.12 -17.08 0.97
N ASP A 156 13.10 -15.75 0.91
CA ASP A 156 13.33 -15.05 -0.35
C ASP A 156 14.81 -14.71 -0.48
N PRO A 157 15.50 -15.16 -1.53
CA PRO A 157 16.93 -14.87 -1.63
C PRO A 157 17.23 -13.38 -1.76
N GLU A 158 16.47 -12.66 -2.58
CA GLU A 158 16.72 -11.24 -2.75
C GLU A 158 16.46 -10.45 -1.47
N TYR A 159 15.55 -10.94 -0.62
CA TYR A 159 15.30 -10.29 0.66
C TYR A 159 16.48 -10.50 1.61
N GLN A 160 16.95 -11.75 1.72
CA GLN A 160 18.06 -12.05 2.62
C GLN A 160 19.40 -11.53 2.08
N ALA A 161 19.50 -11.30 0.77
CA ALA A 161 20.76 -10.84 0.20
C ALA A 161 21.11 -9.42 0.63
N GLN A 162 20.12 -8.62 1.06
CA GLN A 162 20.40 -7.26 1.50
C GLN A 162 20.92 -7.20 2.93
N GLY A 163 20.72 -8.27 3.71
CA GLY A 163 21.33 -8.33 5.03
C GLY A 163 20.66 -7.41 6.02
N LEU A 164 21.48 -6.84 6.91
CA LEU A 164 20.97 -5.98 7.98
C LEU A 164 20.45 -4.64 7.48
N ALA A 165 20.65 -4.33 6.20
CA ALA A 165 20.10 -3.10 5.65
C ALA A 165 18.57 -3.07 5.77
N MET A 166 17.93 -4.23 5.66
CA MET A 166 16.48 -4.29 5.82
C MET A 166 16.05 -4.04 7.25
N TYR A 167 16.93 -4.33 8.22
CA TYR A 167 16.59 -4.10 9.62
C TYR A 167 16.60 -2.62 9.96
N LEU A 168 17.53 -1.86 9.38
CA LEU A 168 17.61 -0.43 9.68
C LEU A 168 16.47 0.35 9.06
N GLN A 169 15.96 -0.11 7.91
CA GLN A 169 14.85 0.59 7.27
C GLN A 169 13.51 0.26 7.93
N GLU A 170 13.38 -0.91 8.56
CA GLU A 170 12.17 -1.23 9.29
C GLU A 170 12.01 -0.33 10.51
N ASN A 171 13.12 0.02 11.15
CA ASN A 171 13.11 1.00 12.25
C ASN A 171 12.87 2.37 11.63
N GLY A 172 11.59 2.67 11.38
CA GLY A 172 11.24 3.88 10.69
C GLY A 172 11.47 5.12 11.54
N ILE A 173 11.78 6.22 10.86
CA ILE A 173 11.94 7.52 11.50
C ILE A 173 10.57 8.19 11.53
N ASP A 174 9.97 8.29 12.71
CA ASP A 174 8.66 8.89 12.88
C ASP A 174 8.82 10.32 13.38
N CYS A 175 8.36 11.28 12.59
CA CYS A 175 8.43 12.68 12.98
C CYS A 175 7.53 12.92 14.19
N PRO A 176 8.08 13.38 15.32
CA PRO A 176 7.26 13.51 16.54
C PRO A 176 6.20 14.61 16.44
N LYS A 177 6.24 15.47 15.43
CA LYS A 177 5.25 16.53 15.32
C LYS A 177 4.06 16.13 14.45
N CYS A 178 4.32 15.63 13.25
CA CYS A 178 3.25 15.29 12.31
C CYS A 178 2.99 13.79 12.22
N LYS A 179 3.77 12.96 12.91
CA LYS A 179 3.58 11.51 12.98
C LYS A 179 3.76 10.83 11.64
N PHE A 180 4.47 11.46 10.70
CA PHE A 180 4.79 10.83 9.43
C PHE A 180 5.90 9.81 9.63
N SER A 181 5.79 8.67 8.96
CA SER A 181 6.75 7.59 9.07
C SER A 181 7.65 7.58 7.84
N TYR A 182 8.96 7.48 8.07
CA TYR A 182 9.95 7.38 7.00
C TYR A 182 10.69 6.05 7.16
N ALA A 183 10.54 5.17 6.18
CA ALA A 183 11.20 3.87 6.19
C ALA A 183 12.66 4.05 5.73
N LEU A 184 13.44 4.69 6.60
CA LEU A 184 14.82 5.03 6.30
C LEU A 184 15.71 4.69 7.49
N ALA A 185 17.01 4.68 7.25
CA ALA A 185 18.00 4.53 8.29
C ALA A 185 18.59 5.90 8.64
N ARG A 186 18.98 6.04 9.91
CA ARG A 186 19.52 7.33 10.36
C ARG A 186 20.90 7.59 9.78
N GLY A 187 21.76 6.58 9.77
CA GLY A 187 23.10 6.76 9.24
C GLY A 187 23.98 7.57 10.17
N GLY A 188 24.71 8.52 9.60
CA GLY A 188 25.59 9.37 10.37
C GLY A 188 25.00 10.72 10.71
N CYS A 189 24.08 11.19 9.87
CA CYS A 189 23.46 12.49 10.06
C CYS A 189 22.25 12.35 10.98
N MET A 190 22.27 13.06 12.11
CA MET A 190 21.20 13.00 13.09
C MET A 190 20.16 14.10 12.90
N HIS A 191 20.52 15.20 12.26
CA HIS A 191 19.60 16.33 12.06
C HIS A 191 18.62 15.99 10.95
N PHE A 192 17.37 15.73 11.31
CA PHE A 192 16.34 15.33 10.35
C PHE A 192 15.41 16.50 10.06
N HIS A 193 14.98 16.61 8.81
CA HIS A 193 14.03 17.63 8.37
C HIS A 193 12.81 16.93 7.80
N CYS A 194 11.64 17.20 8.38
CA CYS A 194 10.39 16.64 7.90
C CYS A 194 9.84 17.51 6.79
N THR A 195 9.62 16.91 5.61
CA THR A 195 9.11 17.68 4.48
C THR A 195 7.62 18.01 4.64
N GLN A 196 6.91 17.31 5.51
CA GLN A 196 5.48 17.52 5.66
C GLN A 196 5.15 18.67 6.61
N CYS A 197 5.91 18.84 7.69
CA CYS A 197 5.60 19.87 8.68
C CYS A 197 6.78 20.78 8.98
N ARG A 198 7.90 20.63 8.28
CA ARG A 198 9.09 21.46 8.41
C ARG A 198 9.73 21.37 9.80
N HIS A 199 9.35 20.39 10.61
CA HIS A 199 9.92 20.24 11.94
C HIS A 199 11.32 19.64 11.84
N GLN A 200 12.22 20.15 12.67
CA GLN A 200 13.60 19.70 12.71
C GLN A 200 13.84 19.00 14.04
N PHE A 201 14.27 17.75 13.98
CA PHE A 201 14.45 16.93 15.16
C PHE A 201 15.61 15.97 14.94
N CYS A 202 16.06 15.35 16.03
CA CYS A 202 17.05 14.29 15.97
C CYS A 202 16.38 12.95 15.67
N SER A 203 16.93 12.20 14.72
CA SER A 203 16.37 10.91 14.37
C SER A 203 16.73 9.82 15.37
N GLY A 204 17.52 10.13 16.40
CA GLY A 204 17.90 9.14 17.39
C GLY A 204 17.11 9.25 18.68
N CYS A 205 16.90 10.48 19.15
CA CYS A 205 16.17 10.72 20.39
C CYS A 205 14.86 11.47 20.20
N TYR A 206 14.55 11.93 18.99
CA TYR A 206 13.32 12.63 18.65
C TYR A 206 13.18 13.96 19.40
N ASN A 207 14.27 14.49 19.92
CA ASN A 207 14.24 15.82 20.53
C ASN A 207 14.38 16.89 19.44
N ALA A 208 13.93 18.10 19.77
CA ALA A 208 13.84 19.17 18.79
C ALA A 208 15.18 19.84 18.55
N PHE A 209 15.45 20.15 17.29
CA PHE A 209 16.59 20.99 16.90
C PHE A 209 16.10 22.43 16.88
N TYR A 210 16.55 23.23 17.84
CA TYR A 210 16.09 24.60 17.97
C TYR A 210 16.88 25.55 17.09
N ALA A 211 16.19 26.52 16.52
CA ALA A 211 16.83 27.55 15.71
C ALA A 211 17.54 28.54 16.61
N LYS A 212 17.96 29.67 16.05
CA LYS A 212 18.69 30.67 16.82
C LYS A 212 17.80 31.27 17.90
N ASN A 213 18.30 31.25 19.14
CA ASN A 213 17.61 31.85 20.29
C ASN A 213 16.24 31.22 20.54
N LYS A 214 16.09 29.95 20.21
CA LYS A 214 14.82 29.25 20.40
C LYS A 214 14.91 28.10 21.41
N CYS A 215 16.09 27.79 21.93
CA CYS A 215 16.24 26.68 22.86
C CYS A 215 15.80 27.11 24.26
N PRO A 216 14.86 26.41 24.88
CA PRO A 216 14.41 26.78 26.24
C PRO A 216 15.14 26.09 27.37
N GLU A 217 16.12 25.25 27.08
CA GLU A 217 16.77 24.48 28.13
C GLU A 217 17.69 25.39 28.96
N PRO A 218 17.65 25.26 30.29
CA PRO A 218 18.51 26.12 31.12
C PRO A 218 19.96 25.67 31.06
N ASN A 219 20.85 26.63 31.34
CA ASN A 219 22.30 26.39 31.39
C ASN A 219 22.85 25.92 30.05
N CYS A 220 22.25 26.38 28.96
CA CYS A 220 22.70 26.04 27.61
C CYS A 220 23.58 27.16 27.07
N ARG A 221 24.72 26.79 26.51
CA ARG A 221 25.72 27.75 26.07
C ARG A 221 25.76 27.90 24.55
N VAL A 222 24.78 27.35 23.82
CA VAL A 222 24.76 27.46 22.37
C VAL A 222 23.38 27.89 21.90
N LYS A 223 22.75 28.79 22.68
CA LYS A 223 21.39 29.21 22.35
C LYS A 223 21.33 29.97 21.03
N LYS A 224 22.40 30.69 20.68
CA LYS A 224 22.45 31.46 19.44
C LYS A 224 22.90 30.62 18.25
N SER A 225 22.83 29.30 18.35
CA SER A 225 23.23 28.41 17.26
C SER A 225 22.22 27.27 17.16
N LEU A 226 22.07 26.75 15.95
CA LEU A 226 21.18 25.61 15.72
C LEU A 226 21.77 24.37 16.38
N HIS A 227 20.97 23.71 17.21
CA HIS A 227 21.45 22.58 18.00
C HIS A 227 20.26 21.85 18.59
N GLY A 228 20.56 20.69 19.18
CA GLY A 228 19.58 19.94 19.95
C GLY A 228 20.18 19.44 21.25
N HIS A 229 19.34 18.80 22.05
CA HIS A 229 19.74 18.22 23.32
C HIS A 229 19.40 16.74 23.34
N HIS A 230 20.39 15.91 23.65
CA HIS A 230 20.24 14.47 23.52
C HIS A 230 20.55 13.78 24.84
N PRO A 231 19.82 12.72 25.17
CA PRO A 231 20.19 11.90 26.33
C PRO A 231 21.50 11.16 26.09
N ARG A 232 22.03 10.59 27.17
CA ARG A 232 23.35 9.96 27.09
C ARG A 232 23.34 8.69 26.25
N ASP A 233 22.17 8.09 26.02
CA ASP A 233 22.06 6.87 25.23
C ASP A 233 21.58 7.13 23.80
N CYS A 234 21.64 8.37 23.34
CA CYS A 234 21.23 8.68 21.98
C CYS A 234 22.34 8.32 20.99
N LEU A 235 21.93 7.99 19.77
CA LEU A 235 22.89 7.72 18.71
C LEU A 235 23.75 8.94 18.40
N PHE A 236 23.28 10.15 18.72
CA PHE A 236 24.08 11.35 18.53
C PHE A 236 25.40 11.27 19.28
N TYR A 237 25.38 10.68 20.49
CA TYR A 237 26.58 10.52 21.29
C TYR A 237 27.27 9.19 21.05
N LEU A 238 26.49 8.10 21.02
CA LEU A 238 27.05 6.76 20.90
C LEU A 238 27.68 6.50 19.53
N ARG A 239 27.43 7.37 18.54
CA ARG A 239 28.12 7.23 17.26
C ARG A 239 29.61 7.52 17.40
N ASP A 240 29.99 8.33 18.40
CA ASP A 240 31.39 8.63 18.66
C ASP A 240 32.11 7.50 19.38
N TRP A 241 31.38 6.54 19.94
CA TRP A 241 32.00 5.37 20.51
C TRP A 241 32.56 4.47 19.42
N THR A 242 33.63 3.74 19.76
CA THR A 242 34.12 2.73 18.83
C THR A 242 33.15 1.56 18.76
N ALA A 243 33.25 0.80 17.66
CA ALA A 243 32.42 -0.39 17.53
C ALA A 243 32.74 -1.41 18.62
N LEU A 244 33.98 -1.41 19.10
CA LEU A 244 34.38 -2.37 20.13
C LEU A 244 33.73 -2.04 21.47
N ARG A 245 33.79 -0.77 21.88
CA ARG A 245 33.20 -0.39 23.16
C ARG A 245 31.67 -0.46 23.11
N LEU A 246 31.07 -0.24 21.94
CA LEU A 246 29.63 -0.35 21.81
C LEU A 246 29.17 -1.78 22.06
N GLN A 247 29.88 -2.76 21.52
CA GLN A 247 29.48 -4.15 21.67
C GLN A 247 29.92 -4.77 22.98
N LYS A 248 30.84 -4.13 23.71
CA LYS A 248 31.14 -4.59 25.06
C LYS A 248 30.00 -4.25 26.01
N LEU A 249 29.33 -3.13 25.78
CA LEU A 249 28.08 -2.86 26.50
C LEU A 249 27.02 -3.89 26.16
N LEU A 250 27.01 -4.36 24.92
CA LEU A 250 26.10 -5.44 24.53
C LEU A 250 26.53 -6.77 25.16
N GLN A 251 27.83 -7.04 25.17
CA GLN A 251 28.31 -8.29 25.75
C GLN A 251 28.11 -8.33 27.26
N ASP A 252 28.31 -7.19 27.93
CA ASP A 252 28.11 -7.12 29.38
C ASP A 252 26.67 -7.38 29.79
N ASN A 253 25.73 -7.33 28.86
CA ASN A 253 24.33 -7.62 29.14
C ASN A 253 23.80 -8.80 28.35
N ASN A 254 24.70 -9.61 27.77
CA ASN A 254 24.34 -10.82 27.03
C ASN A 254 23.35 -10.53 25.91
N VAL A 255 23.68 -9.54 25.08
CA VAL A 255 22.90 -9.20 23.90
C VAL A 255 23.72 -9.55 22.67
N MET A 256 23.15 -10.40 21.81
CA MET A 256 23.85 -10.84 20.62
C MET A 256 23.88 -9.73 19.58
N PHE A 257 24.84 -9.83 18.66
CA PHE A 257 25.00 -8.87 17.59
C PHE A 257 25.80 -9.51 16.46
N ASN A 258 25.46 -9.14 15.22
CA ASN A 258 26.11 -9.70 14.06
C ASN A 258 27.44 -9.00 13.79
N THR A 259 28.40 -9.78 13.28
CA THR A 259 29.66 -9.24 12.78
C THR A 259 29.94 -9.68 11.35
N GLU A 260 29.15 -10.59 10.80
CA GLU A 260 29.28 -11.07 9.43
C GLU A 260 27.95 -10.94 8.71
N PRO A 261 27.97 -10.73 7.40
CA PRO A 261 26.70 -10.63 6.65
C PRO A 261 25.94 -11.95 6.71
N PRO A 262 24.74 -11.94 7.29
CA PRO A 262 23.93 -13.17 7.43
C PRO A 262 23.34 -13.64 6.10
N GLY A 272 30.38 -2.12 -1.29
CA GLY A 272 29.49 -0.99 -1.07
C GLY A 272 28.34 -1.30 -0.13
N CYS A 273 28.12 -0.41 0.83
CA CYS A 273 27.03 -0.59 1.78
C CYS A 273 25.68 -0.49 1.07
N ARG A 274 24.78 -1.42 1.40
CA ARG A 274 23.52 -1.57 0.68
C ARG A 274 22.37 -0.83 1.35
N VAL A 275 22.63 -0.05 2.39
CA VAL A 275 21.57 0.72 3.04
C VAL A 275 21.07 1.79 2.09
N ILE A 276 19.76 1.82 1.86
CA ILE A 276 19.18 2.74 0.89
C ILE A 276 19.07 4.13 1.50
N GLU A 277 19.59 5.12 0.79
CA GLU A 277 19.46 6.53 1.16
C GLU A 277 18.61 7.24 0.11
N GLN A 278 18.15 8.44 0.47
CA GLN A 278 17.32 9.26 -0.41
C GLN A 278 18.06 10.55 -0.72
N LYS A 279 18.54 10.67 -1.96
CA LYS A 279 19.26 11.84 -2.42
C LYS A 279 18.34 12.73 -3.25
N GLU A 280 18.73 14.00 -3.36
CA GLU A 280 17.92 15.00 -4.05
C GLU A 280 18.16 14.91 -5.55
N VAL A 281 17.08 14.73 -6.30
CA VAL A 281 17.14 14.71 -7.76
C VAL A 281 16.13 15.72 -8.29
N PRO A 282 16.29 16.19 -9.54
CA PRO A 282 15.32 17.14 -10.08
C PRO A 282 13.89 16.64 -10.09
N ASN A 283 13.68 15.34 -10.29
CA ASN A 283 12.34 14.76 -10.34
C ASN A 283 11.97 14.11 -9.01
N GLY A 284 12.09 14.85 -7.91
CA GLY A 284 11.73 14.33 -6.61
C GLY A 284 12.90 13.77 -5.82
N LEU A 285 12.79 12.50 -5.44
CA LEU A 285 13.84 11.83 -4.67
C LEU A 285 14.09 10.45 -5.26
N ARG A 286 15.36 10.12 -5.45
CA ARG A 286 15.76 8.84 -6.02
C ARG A 286 16.46 8.01 -4.96
N ASP A 287 16.05 6.75 -4.83
CA ASP A 287 16.67 5.85 -3.89
C ASP A 287 18.07 5.46 -4.36
N GLU A 288 19.06 5.64 -3.48
CA GLU A 288 20.44 5.33 -3.80
C GLU A 288 21.07 4.62 -2.60
N ALA A 289 21.78 3.54 -2.87
CA ALA A 289 22.47 2.83 -1.80
C ALA A 289 23.60 3.68 -1.23
N CYS A 290 23.97 3.37 0.02
CA CYS A 290 25.04 4.11 0.67
C CYS A 290 26.37 3.90 -0.05
N GLY A 291 26.72 2.65 -0.33
CA GLY A 291 27.92 2.34 -1.10
C GLY A 291 29.23 2.65 -0.42
N LYS A 292 29.22 2.96 0.88
CA LYS A 292 30.46 3.25 1.59
C LYS A 292 31.25 1.97 1.81
N GLU A 293 32.50 2.13 2.24
CA GLU A 293 33.36 1.00 2.53
C GLU A 293 32.78 0.19 3.69
N THR A 294 32.71 -1.13 3.50
CA THR A 294 32.18 -2.05 4.50
C THR A 294 33.33 -2.87 5.07
N PRO A 295 33.94 -2.44 6.17
CA PRO A 295 35.09 -3.17 6.73
C PRO A 295 34.67 -4.52 7.28
N ALA A 296 35.68 -5.33 7.56
CA ALA A 296 35.45 -6.65 8.13
C ALA A 296 34.95 -6.53 9.57
N GLY A 297 34.06 -7.44 9.95
CA GLY A 297 33.48 -7.42 11.28
C GLY A 297 32.33 -6.45 11.45
N TYR A 298 31.90 -5.78 10.37
CA TYR A 298 30.80 -4.82 10.44
C TYR A 298 29.55 -5.32 9.73
N ALA A 299 29.39 -6.64 9.61
CA ALA A 299 28.22 -7.25 8.98
C ALA A 299 27.98 -6.74 7.57
N GLY A 300 29.06 -6.38 6.87
CA GLY A 300 28.94 -5.92 5.50
C GLY A 300 28.32 -4.56 5.33
N LEU A 301 28.45 -3.68 6.32
CA LEU A 301 27.87 -2.36 6.26
C LEU A 301 28.93 -1.30 6.56
N CYS A 302 28.51 -0.04 6.40
CA CYS A 302 29.30 1.13 6.75
C CYS A 302 29.75 1.09 8.20
N GLN A 303 30.66 1.98 8.60
CA GLN A 303 30.91 2.15 10.02
C GLN A 303 29.77 2.92 10.68
N ALA A 304 29.17 3.87 9.95
CA ALA A 304 28.06 4.64 10.49
C ALA A 304 26.81 3.77 10.62
N HIS A 305 26.52 2.93 9.62
CA HIS A 305 25.32 2.11 9.68
C HIS A 305 25.48 0.91 10.61
N TYR A 306 26.70 0.38 10.75
CA TYR A 306 26.92 -0.69 11.71
C TYR A 306 26.80 -0.17 13.14
N LYS A 307 27.31 1.03 13.40
CA LYS A 307 27.13 1.64 14.72
C LYS A 307 25.66 1.94 14.98
N GLU A 308 24.93 2.36 13.94
CA GLU A 308 23.48 2.52 14.08
C GLU A 308 22.82 1.19 14.42
N TYR A 309 23.31 0.10 13.84
CA TYR A 309 22.75 -1.22 14.15
C TYR A 309 23.06 -1.63 15.58
N LEU A 310 24.25 -1.29 16.07
CA LEU A 310 24.61 -1.62 17.46
C LEU A 310 23.84 -0.76 18.45
N VAL A 311 23.63 0.52 18.11
CA VAL A 311 22.92 1.42 19.01
C VAL A 311 21.44 1.04 19.11
N SER A 312 20.85 0.56 18.01
CA SER A 312 19.46 0.13 18.06
C SER A 312 19.30 -1.07 18.99
N LEU A 313 20.28 -1.97 19.00
CA LEU A 313 20.25 -3.08 19.95
C LEU A 313 20.43 -2.58 21.38
N ILE A 314 21.25 -1.55 21.56
CA ILE A 314 21.45 -0.98 22.89
C ILE A 314 20.16 -0.30 23.37
N ASN A 315 19.49 0.44 22.48
CA ASN A 315 18.27 1.14 22.88
C ASN A 315 17.10 0.19 23.04
N ALA A 316 17.05 -0.88 22.25
CA ALA A 316 15.94 -1.83 22.35
C ALA A 316 15.94 -2.52 23.72
N HIS A 317 17.11 -2.86 24.24
CA HIS A 317 17.23 -3.46 25.55
C HIS A 317 17.45 -2.43 26.66
N SER A 318 17.42 -1.13 26.32
CA SER A 318 17.54 -0.05 27.29
C SER A 318 18.83 -0.17 28.10
N LEU A 319 19.93 -0.47 27.41
CA LEU A 319 21.23 -0.54 28.08
C LEU A 319 21.73 0.87 28.40
N ASP A 320 22.32 1.02 29.58
CA ASP A 320 22.79 2.32 30.03
C ASP A 320 24.26 2.47 29.73
N PRO A 321 24.67 3.38 28.85
CA PRO A 321 26.10 3.58 28.60
C PRO A 321 26.85 4.13 29.80
N ALA A 322 26.14 4.67 30.79
CA ALA A 322 26.81 5.19 31.98
C ALA A 322 27.48 4.10 32.81
N THR A 323 27.07 2.84 32.63
CA THR A 323 27.69 1.74 33.35
C THR A 323 29.14 1.50 32.93
N LEU A 324 29.59 2.10 31.83
CA LEU A 324 30.98 2.01 31.40
C LEU A 324 31.71 3.34 31.54
N TYR A 325 31.06 4.36 32.09
CA TYR A 325 31.67 5.68 32.22
C TYR A 325 32.86 5.63 33.18
N GLU A 326 33.92 6.36 32.83
CA GLU A 326 34.99 6.62 33.78
C GLU A 326 34.60 7.81 34.65
N VAL A 327 35.53 8.25 35.50
CA VAL A 327 35.24 9.37 36.38
C VAL A 327 35.02 10.65 35.57
N GLU A 328 35.86 10.89 34.57
CA GLU A 328 35.71 12.09 33.75
C GLU A 328 34.38 12.08 33.00
N GLU A 329 33.99 10.93 32.46
CA GLU A 329 32.70 10.85 31.76
C GLU A 329 31.54 11.10 32.69
N LEU A 330 31.65 10.67 33.96
CA LEU A 330 30.58 10.91 34.92
C LEU A 330 30.51 12.39 35.29
N GLU A 331 31.66 13.05 35.41
CA GLU A 331 31.65 14.49 35.67
C GLU A 331 31.05 15.25 34.51
N THR A 332 31.34 14.82 33.28
CA THR A 332 30.75 15.46 32.10
C THR A 332 29.23 15.28 32.08
N ALA A 333 28.76 14.08 32.39
CA ALA A 333 27.32 13.81 32.38
C ALA A 333 26.60 14.58 33.50
N THR A 334 27.26 14.75 34.64
CA THR A 334 26.63 15.49 35.74
C THR A 334 26.50 16.97 35.41
N GLU A 335 27.55 17.56 34.84
CA GLU A 335 27.49 18.98 34.47
C GLU A 335 26.51 19.20 33.32
N ARG A 336 26.26 18.19 32.50
CA ARG A 336 25.40 18.33 31.33
C ARG A 336 23.92 18.10 31.67
N TYR A 337 23.62 17.05 32.43
CA TYR A 337 22.24 16.68 32.70
C TYR A 337 21.75 17.11 34.07
N LEU A 338 22.65 17.42 35.00
CA LEU A 338 22.28 17.94 36.30
C LEU A 338 22.71 19.39 36.53
N HIS A 339 23.57 19.93 35.66
CA HIS A 339 23.98 21.34 35.71
C HIS A 339 24.66 21.67 37.04
N VAL A 340 25.42 20.72 37.56
CA VAL A 340 26.18 20.89 38.81
C VAL A 340 27.57 20.30 38.61
N ARG A 341 28.60 21.08 38.90
CA ARG A 341 29.96 20.57 38.82
C ARG A 341 30.23 19.67 40.01
N PRO A 342 30.45 18.38 39.79
CA PRO A 342 30.68 17.47 40.93
C PRO A 342 32.05 17.69 41.55
N GLN A 343 32.14 17.36 42.84
CA GLN A 343 33.38 17.50 43.59
C GLN A 343 33.52 16.30 44.52
N PRO A 344 34.70 15.71 44.60
CA PRO A 344 34.89 14.55 45.49
C PRO A 344 34.76 14.94 46.96
N LEU A 345 34.28 13.98 47.75
CA LEU A 345 34.14 14.17 49.18
C LEU A 345 35.38 13.69 49.92
N ALA A 346 35.52 14.13 51.16
CA ALA A 346 36.67 13.74 51.97
C ALA A 346 36.58 12.27 52.34
N GLY A 347 37.65 11.53 52.04
CA GLY A 347 37.72 10.12 52.32
C GLY A 347 37.37 9.21 51.16
N GLU A 348 37.04 9.77 50.00
CA GLU A 348 36.68 8.98 48.83
C GLU A 348 37.91 8.64 48.01
N ASP A 349 37.91 7.45 47.42
CA ASP A 349 38.85 7.06 46.39
C ASP A 349 38.16 7.09 45.04
N PRO A 350 38.91 7.00 43.93
CA PRO A 350 38.28 7.08 42.60
C PRO A 350 37.11 6.12 42.44
N PRO A 351 37.18 4.87 42.97
CA PRO A 351 35.98 4.03 42.89
C PRO A 351 34.79 4.58 43.65
N ALA A 352 35.00 5.17 44.83
CA ALA A 352 33.86 5.72 45.58
C ALA A 352 33.33 6.99 44.93
N TYR A 353 34.21 7.84 44.41
CA TYR A 353 33.76 9.03 43.70
C TYR A 353 33.01 8.65 42.43
N GLN A 354 33.48 7.61 41.73
CA GLN A 354 32.80 7.15 40.53
C GLN A 354 31.45 6.51 40.87
N ALA A 355 31.39 5.74 41.96
CA ALA A 355 30.15 5.07 42.32
C ALA A 355 29.09 6.07 42.76
N ARG A 356 29.50 7.15 43.42
CA ARG A 356 28.53 8.15 43.86
C ARG A 356 27.94 8.91 42.68
N LEU A 357 28.79 9.33 41.74
CA LEU A 357 28.31 10.06 40.57
C LEU A 357 27.44 9.18 39.69
N LEU A 358 27.80 7.91 39.54
CA LEU A 358 27.02 7.00 38.70
C LEU A 358 25.65 6.73 39.31
N GLN A 359 25.57 6.64 40.64
CA GLN A 359 24.30 6.34 41.28
C GLN A 359 23.35 7.54 41.19
N LYS A 360 23.84 8.74 41.46
CA LYS A 360 22.98 9.92 41.40
C LYS A 360 22.56 10.23 39.97
N LEU A 361 23.42 9.94 38.99
CA LEU A 361 23.07 10.19 37.59
C LEU A 361 21.96 9.27 37.14
N THR A 362 22.06 7.97 37.44
CA THR A 362 21.04 7.02 37.02
C THR A 362 19.75 7.17 37.82
N GLU A 363 19.79 7.82 38.98
CA GLU A 363 18.59 8.02 39.78
C GLU A 363 17.83 9.27 39.39
N GLU A 364 18.51 10.33 38.99
CA GLU A 364 17.87 11.60 38.68
C GLU A 364 17.68 11.83 37.18
N VAL A 365 18.50 11.22 36.33
CA VAL A 365 18.38 11.40 34.89
C VAL A 365 18.08 10.06 34.22
N PRO A 366 16.89 9.88 33.67
CA PRO A 366 16.55 8.62 32.99
C PRO A 366 17.18 8.57 31.60
N LEU A 367 16.98 7.44 30.94
CA LEU A 367 17.43 7.27 29.57
C LEU A 367 16.49 8.02 28.63
N GLY A 368 16.64 7.80 27.32
CA GLY A 368 15.82 8.48 26.34
C GLY A 368 14.34 8.20 26.48
N GLN A 369 13.57 9.22 26.89
CA GLN A 369 12.14 9.06 27.10
C GLN A 369 11.35 8.99 25.80
N SER A 370 12.01 9.17 24.65
CA SER A 370 11.33 9.03 23.36
C SER A 370 12.17 8.31 22.34
N ILE A 371 13.28 7.69 22.74
CA ILE A 371 14.10 6.91 21.80
C ILE A 371 13.32 5.67 21.37
N PRO A 372 13.32 5.31 20.09
CA PRO A 372 12.59 4.10 19.65
C PRO A 372 13.16 2.85 20.30
N ARG A 373 12.32 2.15 21.05
CA ARG A 373 12.73 0.93 21.75
C ARG A 373 11.81 -0.24 21.39
N GLU B 1 5.59 7.06 0.41
CA GLU B 1 5.46 5.65 0.11
C GLU B 1 5.22 5.43 -1.38
N VAL B 2 4.17 4.69 -1.75
CA VAL B 2 4.01 4.25 -3.13
C VAL B 2 3.93 5.43 -4.08
N GLN B 3 4.64 5.32 -5.20
CA GLN B 3 4.64 6.33 -6.26
C GLN B 3 4.68 5.63 -7.60
N LEU B 4 3.74 5.96 -8.48
CA LEU B 4 3.70 5.44 -9.85
C LEU B 4 3.63 6.62 -10.78
N LEU B 5 4.61 6.75 -11.68
CA LEU B 5 4.71 7.89 -12.58
C LEU B 5 4.72 7.40 -14.01
N GLU B 6 3.75 7.85 -14.80
CA GLU B 6 3.64 7.45 -16.20
C GLU B 6 4.36 8.45 -17.10
N SER B 7 4.68 8.00 -18.31
CA SER B 7 5.40 8.80 -19.27
C SER B 7 5.24 8.17 -20.65
N GLY B 8 5.30 9.00 -21.68
CA GLY B 8 5.30 8.55 -23.05
C GLY B 8 4.08 8.93 -23.86
N GLY B 9 3.07 9.54 -23.24
CA GLY B 9 1.88 9.93 -23.97
C GLY B 9 2.15 11.10 -24.90
N GLY B 10 1.19 11.34 -25.78
CA GLY B 10 1.28 12.44 -26.71
C GLY B 10 0.37 12.23 -27.91
N LEU B 11 0.59 13.06 -28.92
CA LEU B 11 -0.20 13.00 -30.15
C LEU B 11 0.47 12.07 -31.15
N VAL B 12 -0.28 11.10 -31.64
CA VAL B 12 0.22 10.09 -32.58
C VAL B 12 -0.77 9.99 -33.74
N GLN B 13 -0.25 9.87 -34.95
CA GLN B 13 -1.11 9.68 -36.11
C GLN B 13 -1.68 8.26 -36.11
N PRO B 14 -2.84 8.05 -36.75
CA PRO B 14 -3.41 6.70 -36.81
C PRO B 14 -2.45 5.73 -37.48
N GLY B 15 -2.46 4.50 -36.99
CA GLY B 15 -1.49 3.51 -37.43
C GLY B 15 -0.12 3.67 -36.79
N GLY B 16 0.09 4.73 -36.01
CA GLY B 16 1.37 4.99 -35.41
C GLY B 16 1.66 4.08 -34.23
N SER B 17 2.85 4.27 -33.67
CA SER B 17 3.34 3.44 -32.57
C SER B 17 3.74 4.33 -31.40
N LEU B 18 3.57 3.80 -30.19
CA LEU B 18 3.91 4.54 -28.98
C LEU B 18 4.31 3.56 -27.88
N ARG B 19 5.20 4.02 -27.00
CA ARG B 19 5.70 3.21 -25.89
C ARG B 19 5.54 3.98 -24.59
N LEU B 20 4.69 3.47 -23.69
CA LEU B 20 4.52 4.06 -22.38
C LEU B 20 5.43 3.38 -21.37
N SER B 21 5.77 4.12 -20.31
CA SER B 21 6.57 3.60 -19.20
C SER B 21 5.94 4.02 -17.89
N CYS B 22 6.32 3.33 -16.83
CA CYS B 22 5.81 3.63 -15.49
C CYS B 22 6.94 3.36 -14.51
N ALA B 23 7.43 4.41 -13.86
CA ALA B 23 8.47 4.28 -12.85
C ALA B 23 7.82 4.07 -11.49
N ALA B 24 8.11 2.92 -10.88
CA ALA B 24 7.52 2.56 -9.60
C ALA B 24 8.56 2.63 -8.49
N SER B 25 8.11 3.06 -7.31
CA SER B 25 8.96 3.12 -6.13
C SER B 25 8.05 3.09 -4.91
N GLY B 26 8.67 2.84 -3.76
CA GLY B 26 7.94 2.81 -2.50
C GLY B 26 7.40 1.45 -2.12
N PHE B 27 7.68 0.42 -2.91
CA PHE B 27 7.25 -0.94 -2.62
C PHE B 27 8.13 -1.89 -3.41
N THR B 28 8.10 -3.16 -3.02
CA THR B 28 8.86 -4.19 -3.72
C THR B 28 8.16 -4.48 -5.05
N PHE B 29 8.76 -4.01 -6.14
CA PHE B 29 8.13 -4.12 -7.45
C PHE B 29 7.94 -5.57 -7.87
N ARG B 30 8.91 -6.44 -7.54
CA ARG B 30 8.86 -7.82 -7.98
C ARG B 30 7.82 -8.66 -7.24
N GLY B 31 7.23 -8.13 -6.17
CA GLY B 31 6.28 -8.87 -5.37
C GLY B 31 4.83 -8.65 -5.72
N TYR B 32 4.52 -7.84 -6.72
CA TYR B 32 3.16 -7.52 -7.10
C TYR B 32 3.02 -7.59 -8.61
N SER B 33 1.80 -7.90 -9.07
CA SER B 33 1.49 -7.77 -10.47
C SER B 33 1.16 -6.31 -10.79
N MET B 34 1.36 -5.94 -12.05
CA MET B 34 1.12 -4.58 -12.50
C MET B 34 0.14 -4.59 -13.68
N ALA B 35 -0.51 -3.46 -13.88
CA ALA B 35 -1.57 -3.39 -14.90
C ALA B 35 -1.61 -1.98 -15.49
N TRP B 36 -2.14 -1.91 -16.71
CA TRP B 36 -2.43 -0.66 -17.39
C TRP B 36 -3.94 -0.55 -17.56
N VAL B 37 -4.48 0.64 -17.26
CA VAL B 37 -5.89 0.94 -17.50
C VAL B 37 -6.00 2.29 -18.18
N ARG B 38 -7.12 2.50 -18.86
CA ARG B 38 -7.34 3.72 -19.62
C ARG B 38 -8.78 4.19 -19.47
N GLN B 39 -8.99 5.48 -19.67
CA GLN B 39 -10.32 6.10 -19.63
C GLN B 39 -10.47 6.99 -20.86
N ALA B 40 -11.25 6.55 -21.83
CA ALA B 40 -11.50 7.35 -23.01
C ALA B 40 -12.34 8.58 -22.64
N PRO B 41 -12.29 9.64 -23.46
CA PRO B 41 -13.05 10.87 -23.16
C PRO B 41 -14.54 10.61 -23.03
N GLY B 42 -15.07 10.96 -21.86
CA GLY B 42 -16.49 10.81 -21.59
C GLY B 42 -16.95 9.38 -21.37
N LYS B 43 -16.03 8.46 -21.08
CA LYS B 43 -16.37 7.05 -20.95
C LYS B 43 -15.93 6.54 -19.59
N GLY B 44 -16.23 5.27 -19.32
CA GLY B 44 -15.79 4.65 -18.09
C GLY B 44 -14.42 4.02 -18.20
N LEU B 45 -13.79 3.83 -17.05
CA LEU B 45 -12.45 3.27 -17.00
C LEU B 45 -12.44 1.84 -17.57
N GLU B 46 -11.48 1.58 -18.45
CA GLU B 46 -11.36 0.29 -19.13
C GLU B 46 -10.01 -0.34 -18.84
N TRP B 47 -10.02 -1.60 -18.41
CA TRP B 47 -8.79 -2.34 -18.16
C TRP B 47 -8.12 -2.70 -19.48
N VAL B 48 -6.80 -2.53 -19.54
CA VAL B 48 -6.05 -2.80 -20.76
C VAL B 48 -5.31 -4.14 -20.65
N SER B 49 -4.41 -4.25 -19.69
CA SER B 49 -3.61 -5.47 -19.58
C SER B 49 -3.01 -5.58 -18.20
N THR B 50 -2.55 -6.78 -17.86
CA THR B 50 -1.98 -7.10 -16.57
C THR B 50 -0.81 -8.06 -16.76
N ILE B 51 0.27 -7.84 -16.03
CA ILE B 51 1.45 -8.68 -16.08
C ILE B 51 1.72 -9.26 -14.70
N SER B 52 2.11 -10.54 -14.66
CA SER B 52 2.36 -11.23 -13.41
C SER B 52 3.58 -10.66 -12.70
N PRO B 53 3.75 -10.96 -11.40
CA PRO B 53 4.84 -10.34 -10.63
C PRO B 53 6.23 -10.50 -11.24
N ILE B 54 6.57 -11.69 -11.76
CA ILE B 54 7.88 -11.89 -12.37
C ILE B 54 7.83 -11.87 -13.89
N GLY B 55 6.65 -11.84 -14.49
CA GLY B 55 6.51 -11.66 -15.91
C GLY B 55 6.25 -12.89 -16.74
N THR B 56 6.01 -14.05 -16.12
CA THR B 56 5.75 -15.27 -16.89
C THR B 56 4.41 -15.21 -17.60
N TYR B 57 3.40 -14.61 -16.96
CA TYR B 57 2.05 -14.56 -17.50
C TYR B 57 1.67 -13.13 -17.83
N THR B 58 1.06 -12.95 -19.00
CA THR B 58 0.54 -11.65 -19.44
C THR B 58 -0.90 -11.82 -19.89
N TYR B 59 -1.76 -10.91 -19.46
CA TYR B 59 -3.17 -10.91 -19.81
C TYR B 59 -3.49 -9.62 -20.55
N TYR B 60 -4.46 -9.69 -21.46
CA TYR B 60 -4.80 -8.56 -22.31
C TYR B 60 -6.30 -8.50 -22.53
N ALA B 61 -6.80 -7.27 -22.68
CA ALA B 61 -8.17 -7.07 -23.13
C ALA B 61 -8.31 -7.49 -24.59
N ASP B 62 -9.53 -7.85 -24.98
CA ASP B 62 -9.75 -8.39 -26.32
C ASP B 62 -9.43 -7.37 -27.40
N SER B 63 -9.70 -6.08 -27.13
CA SER B 63 -9.51 -5.05 -28.15
C SER B 63 -8.04 -4.68 -28.36
N VAL B 64 -7.13 -5.07 -27.47
CA VAL B 64 -5.73 -4.71 -27.59
C VAL B 64 -4.81 -5.93 -27.63
N LYS B 65 -5.33 -7.14 -27.47
CA LYS B 65 -4.49 -8.32 -27.48
C LYS B 65 -3.76 -8.47 -28.81
N GLY B 66 -2.47 -8.72 -28.75
CA GLY B 66 -1.66 -8.83 -29.94
C GLY B 66 -1.19 -7.50 -30.50
N ARG B 67 -1.93 -6.42 -30.21
CA ARG B 67 -1.51 -5.09 -30.65
C ARG B 67 -0.67 -4.40 -29.59
N PHE B 68 -1.04 -4.57 -28.33
CA PHE B 68 -0.30 -4.00 -27.21
C PHE B 68 0.57 -5.09 -26.60
N THR B 69 1.68 -4.69 -25.97
CA THR B 69 2.57 -5.63 -25.32
C THR B 69 2.99 -5.06 -23.97
N ILE B 70 2.64 -5.76 -22.90
CA ILE B 70 3.02 -5.36 -21.55
C ILE B 70 4.32 -6.06 -21.19
N SER B 71 5.16 -5.37 -20.44
CA SER B 71 6.42 -5.94 -19.96
C SER B 71 6.87 -5.14 -18.74
N ARG B 72 7.79 -5.73 -17.98
CA ARG B 72 8.31 -5.09 -16.79
C ARG B 72 9.80 -5.40 -16.69
N ASP B 73 10.53 -4.48 -16.03
CA ASP B 73 11.95 -4.63 -15.77
C ASP B 73 12.15 -4.53 -14.26
N ASN B 74 12.09 -5.67 -13.58
CA ASN B 74 12.22 -5.67 -12.13
C ASN B 74 13.58 -5.17 -11.67
N SER B 75 14.61 -5.31 -12.51
CA SER B 75 15.92 -4.75 -12.23
C SER B 75 15.86 -3.23 -12.06
N LYS B 76 14.87 -2.57 -12.67
CA LYS B 76 14.76 -1.12 -12.62
C LYS B 76 13.41 -0.65 -12.11
N ASN B 77 12.56 -1.57 -11.66
CA ASN B 77 11.24 -1.23 -11.09
C ASN B 77 10.42 -0.39 -12.06
N THR B 78 10.39 -0.83 -13.32
CA THR B 78 9.73 -0.09 -14.38
C THR B 78 8.74 -0.99 -15.10
N LEU B 79 7.53 -0.47 -15.30
CA LEU B 79 6.51 -1.14 -16.10
C LEU B 79 6.45 -0.50 -17.48
N TYR B 80 6.21 -1.31 -18.50
CA TYR B 80 6.19 -0.85 -19.88
C TYR B 80 4.90 -1.27 -20.56
N LEU B 81 4.53 -0.51 -21.60
CA LEU B 81 3.40 -0.85 -22.44
C LEU B 81 3.73 -0.41 -23.87
N GLN B 82 4.04 -1.37 -24.72
CA GLN B 82 4.32 -1.09 -26.13
C GLN B 82 3.02 -1.16 -26.91
N MET B 83 2.64 -0.05 -27.53
CA MET B 83 1.38 0.06 -28.25
C MET B 83 1.66 0.28 -29.73
N ASN B 84 1.19 -0.63 -30.57
CA ASN B 84 1.38 -0.57 -32.00
C ASN B 84 0.04 -0.45 -32.71
N SER B 85 0.07 0.13 -33.90
CA SER B 85 -1.11 0.30 -34.75
C SER B 85 -2.25 0.98 -34.00
N LEU B 86 -1.94 2.17 -33.48
CA LEU B 86 -2.91 2.88 -32.66
C LEU B 86 -4.06 3.43 -33.50
N ARG B 87 -5.26 3.29 -32.97
CA ARG B 87 -6.49 3.75 -33.61
C ARG B 87 -7.06 4.95 -32.84
N ALA B 88 -8.03 5.61 -33.46
CA ALA B 88 -8.66 6.77 -32.83
C ALA B 88 -9.37 6.37 -31.53
N GLU B 89 -9.83 5.12 -31.44
CA GLU B 89 -10.47 4.65 -30.21
C GLU B 89 -9.48 4.45 -29.07
N ASP B 90 -8.18 4.50 -29.34
CA ASP B 90 -7.17 4.37 -28.30
C ASP B 90 -6.93 5.67 -27.54
N THR B 91 -7.58 6.77 -27.96
CA THR B 91 -7.41 8.05 -27.27
C THR B 91 -8.00 7.96 -25.86
N ALA B 92 -7.14 8.11 -24.86
CA ALA B 92 -7.55 7.96 -23.47
C ALA B 92 -6.41 8.40 -22.57
N VAL B 93 -6.74 8.65 -21.31
CA VAL B 93 -5.73 8.81 -20.26
C VAL B 93 -5.33 7.42 -19.78
N TYR B 94 -4.05 7.09 -19.88
CA TYR B 94 -3.55 5.76 -19.56
C TYR B 94 -2.92 5.77 -18.17
N TYR B 95 -3.46 4.95 -17.27
CA TYR B 95 -3.05 4.92 -15.87
C TYR B 95 -2.24 3.65 -15.59
N CYS B 96 -1.16 3.82 -14.84
CA CYS B 96 -0.38 2.71 -14.31
C CYS B 96 -0.97 2.27 -12.98
N ALA B 97 -1.14 0.96 -12.79
CA ALA B 97 -1.80 0.44 -11.61
C ALA B 97 -0.94 -0.64 -10.96
N LYS B 98 -0.91 -0.61 -9.62
CA LYS B 98 -0.21 -1.60 -8.82
C LYS B 98 -1.21 -2.59 -8.22
N GLY B 99 -0.97 -3.88 -8.43
CA GLY B 99 -1.86 -4.88 -7.89
C GLY B 99 -1.78 -4.92 -6.37
N SER B 100 -2.82 -5.48 -5.76
CA SER B 100 -2.88 -5.51 -4.30
C SER B 100 -3.32 -6.88 -3.82
N TYR B 101 -2.90 -7.20 -2.59
CA TYR B 101 -3.31 -8.41 -1.89
C TYR B 101 -4.33 -8.13 -0.81
N SER B 102 -4.84 -6.90 -0.74
CA SER B 102 -5.85 -6.54 0.24
C SER B 102 -7.24 -6.86 -0.30
N ARG B 103 -8.13 -7.27 0.60
CA ARG B 103 -9.46 -7.72 0.22
C ARG B 103 -10.31 -6.58 -0.33
N GLY B 104 -11.08 -6.87 -1.38
CA GLY B 104 -12.02 -5.95 -1.95
C GLY B 104 -11.55 -5.09 -3.09
N THR B 105 -10.30 -5.23 -3.54
CA THR B 105 -9.81 -4.43 -4.66
C THR B 105 -8.72 -5.18 -5.40
N PRO B 106 -8.76 -5.23 -6.74
CA PRO B 106 -7.63 -5.81 -7.48
C PRO B 106 -6.41 -4.91 -7.53
N PHE B 107 -6.57 -3.61 -7.31
CA PHE B 107 -5.45 -2.67 -7.27
C PHE B 107 -5.67 -1.67 -6.14
N ASP B 108 -4.57 -1.31 -5.47
CA ASP B 108 -4.61 -0.35 -4.37
C ASP B 108 -3.99 1.00 -4.73
N TYR B 109 -3.25 1.08 -5.84
CA TYR B 109 -2.61 2.33 -6.23
C TYR B 109 -2.72 2.54 -7.74
N TRP B 110 -2.94 3.78 -8.12
CA TRP B 110 -2.94 4.24 -9.51
C TRP B 110 -2.09 5.49 -9.62
N GLY B 111 -1.56 5.75 -10.81
CA GLY B 111 -0.65 6.85 -11.02
C GLY B 111 -1.40 8.11 -11.43
N GLN B 112 -0.62 9.11 -11.85
CA GLN B 112 -1.20 10.38 -12.26
C GLN B 112 -1.85 10.28 -13.65
N GLY B 113 -1.38 9.36 -14.47
CA GLY B 113 -1.84 9.11 -15.82
C GLY B 113 -1.18 10.01 -16.84
N THR B 114 -1.09 9.51 -18.07
CA THR B 114 -0.59 10.25 -19.21
C THR B 114 -1.61 10.23 -20.33
N LEU B 115 -1.81 11.37 -20.98
CA LEU B 115 -2.82 11.50 -22.02
C LEU B 115 -2.23 11.06 -23.36
N VAL B 116 -2.97 10.24 -24.08
CA VAL B 116 -2.59 9.76 -25.40
C VAL B 116 -3.67 10.16 -26.38
N THR B 117 -3.30 10.88 -27.43
CA THR B 117 -4.25 11.32 -28.45
C THR B 117 -3.84 10.74 -29.80
N VAL B 118 -4.81 10.21 -30.53
CA VAL B 118 -4.59 9.64 -31.85
C VAL B 118 -5.33 10.49 -32.86
N SER B 119 -4.58 11.12 -33.76
CA SER B 119 -5.16 12.01 -34.77
C SER B 119 -6.03 11.23 -35.75
N GLU C 1 -26.48 9.33 -17.54
CA GLU C 1 -25.03 9.33 -17.36
C GLU C 1 -24.65 9.50 -15.90
N VAL C 2 -23.57 8.81 -15.50
CA VAL C 2 -23.17 8.75 -14.10
C VAL C 2 -22.78 10.15 -13.61
N GLN C 3 -23.20 10.50 -12.41
CA GLN C 3 -22.85 11.78 -11.80
C GLN C 3 -22.56 11.54 -10.32
N LEU C 4 -21.36 11.95 -9.89
CA LEU C 4 -20.94 11.81 -8.49
C LEU C 4 -20.46 13.15 -7.97
N LEU C 5 -21.05 13.61 -6.86
CA LEU C 5 -20.72 14.89 -6.26
C LEU C 5 -20.27 14.66 -4.81
N GLU C 6 -19.05 15.08 -4.50
CA GLU C 6 -18.49 14.94 -3.17
C GLU C 6 -18.80 16.16 -2.32
N SER C 7 -18.69 15.98 -1.00
CA SER C 7 -19.00 17.04 -0.05
C SER C 7 -18.39 16.70 1.30
N GLY C 8 -18.05 17.75 2.06
CA GLY C 8 -17.60 17.59 3.43
C GLY C 8 -16.15 17.92 3.69
N GLY C 9 -15.36 18.22 2.66
CA GLY C 9 -13.96 18.51 2.86
C GLY C 9 -13.73 19.84 3.55
N GLY C 10 -12.48 20.04 3.97
CA GLY C 10 -12.11 21.27 4.63
C GLY C 10 -10.82 21.10 5.43
N LEU C 11 -10.57 22.11 6.25
CA LEU C 11 -9.38 22.16 7.10
C LEU C 11 -9.69 21.52 8.45
N VAL C 12 -8.87 20.57 8.86
CA VAL C 12 -9.08 19.82 10.09
C VAL C 12 -7.79 19.81 10.90
N GLN C 13 -7.92 20.00 12.22
CA GLN C 13 -6.77 19.90 13.09
C GLN C 13 -6.37 18.44 13.28
N PRO C 14 -5.10 18.17 13.58
CA PRO C 14 -4.68 16.78 13.77
C PRO C 14 -5.45 16.09 14.89
N GLY C 15 -5.75 14.82 14.70
CA GLY C 15 -6.58 14.06 15.61
C GLY C 15 -8.06 14.32 15.47
N GLY C 16 -8.48 15.27 14.64
CA GLY C 16 -9.88 15.60 14.48
C GLY C 16 -10.64 14.60 13.64
N SER C 17 -11.94 14.85 13.50
CA SER C 17 -12.85 13.97 12.80
C SER C 17 -13.57 14.74 11.71
N LEU C 18 -13.92 14.03 10.63
CA LEU C 18 -14.61 14.62 9.50
C LEU C 18 -15.47 13.57 8.84
N ARG C 19 -16.59 14.01 8.25
CA ARG C 19 -17.54 13.13 7.59
C ARG C 19 -17.77 13.61 6.17
N LEU C 20 -17.35 12.81 5.19
CA LEU C 20 -17.58 13.11 3.79
C LEU C 20 -18.86 12.42 3.31
N SER C 21 -19.48 13.02 2.30
CA SER C 21 -20.66 12.47 1.66
C SER C 21 -20.52 12.56 0.15
N CYS C 22 -21.33 11.77 -0.55
CA CYS C 22 -21.29 11.74 -2.01
C CYS C 22 -22.68 11.47 -2.55
N ALA C 23 -23.24 12.43 -3.28
CA ALA C 23 -24.55 12.27 -3.91
C ALA C 23 -24.35 11.67 -5.30
N ALA C 24 -24.95 10.50 -5.52
CA ALA C 24 -24.83 9.76 -6.77
C ALA C 24 -26.11 9.81 -7.57
N SER C 25 -25.98 9.81 -8.89
CA SER C 25 -27.11 9.82 -9.79
C SER C 25 -26.68 9.23 -11.13
N GLY C 26 -27.68 8.89 -11.95
CA GLY C 26 -27.43 8.39 -13.29
C GLY C 26 -27.28 6.90 -13.42
N PHE C 27 -27.47 6.14 -12.35
CA PHE C 27 -27.36 4.69 -12.39
C PHE C 27 -28.09 4.10 -11.20
N THR C 28 -28.31 2.79 -11.27
CA THR C 28 -28.97 2.08 -10.16
C THR C 28 -27.99 1.99 -9.01
N PHE C 29 -28.22 2.82 -7.98
CA PHE C 29 -27.30 2.89 -6.85
C PHE C 29 -27.24 1.55 -6.12
N ARG C 30 -28.36 0.86 -6.03
CA ARG C 30 -28.45 -0.39 -5.27
C ARG C 30 -27.77 -1.57 -5.96
N GLY C 31 -27.40 -1.44 -7.22
CA GLY C 31 -26.82 -2.53 -7.98
C GLY C 31 -25.31 -2.56 -8.05
N TYR C 32 -24.62 -1.59 -7.45
CA TYR C 32 -23.17 -1.52 -7.54
C TYR C 32 -22.57 -1.23 -6.18
N SER C 33 -21.33 -1.64 -6.01
CA SER C 33 -20.54 -1.26 -4.85
C SER C 33 -20.00 0.15 -5.02
N MET C 34 -19.69 0.79 -3.91
CA MET C 34 -19.15 2.14 -3.92
C MET C 34 -17.80 2.14 -3.20
N ALA C 35 -16.97 3.11 -3.54
CA ALA C 35 -15.61 3.15 -3.03
C ALA C 35 -15.14 4.59 -2.88
N TRP C 36 -14.18 4.77 -1.99
CA TRP C 36 -13.48 6.04 -1.83
C TRP C 36 -12.03 5.86 -2.25
N VAL C 37 -11.51 6.81 -3.02
CA VAL C 37 -10.11 6.86 -3.39
C VAL C 37 -9.63 8.29 -3.13
N ARG C 38 -8.32 8.43 -2.97
CA ARG C 38 -7.75 9.71 -2.59
C ARG C 38 -6.47 9.97 -3.38
N GLN C 39 -6.10 11.24 -3.46
CA GLN C 39 -4.89 11.68 -4.15
C GLN C 39 -4.05 12.51 -3.19
N ALA C 40 -2.99 11.90 -2.68
CA ALA C 40 -2.03 12.60 -1.84
C ALA C 40 -1.25 13.60 -2.71
N PRO C 41 -0.65 14.63 -2.08
CA PRO C 41 0.13 15.61 -2.87
C PRO C 41 1.23 14.92 -3.67
N GLY C 42 1.21 15.14 -4.98
CA GLY C 42 2.20 14.56 -5.87
C GLY C 42 2.02 13.10 -6.17
N LYS C 43 0.84 12.54 -5.95
CA LYS C 43 0.54 11.13 -6.14
C LYS C 43 -0.61 10.97 -7.12
N GLY C 44 -0.89 9.72 -7.47
CA GLY C 44 -2.02 9.41 -8.33
C GLY C 44 -3.30 9.18 -7.57
N LEU C 45 -3.65 7.91 -7.38
CA LEU C 45 -4.86 7.53 -6.67
C LEU C 45 -4.56 6.35 -5.76
N GLU C 46 -5.02 6.43 -4.52
CA GLU C 46 -4.84 5.37 -3.53
C GLU C 46 -6.20 4.90 -3.07
N TRP C 47 -6.43 3.59 -3.11
CA TRP C 47 -7.70 3.05 -2.66
C TRP C 47 -7.84 3.20 -1.16
N VAL C 48 -9.00 3.68 -0.72
CA VAL C 48 -9.24 3.92 0.70
C VAL C 48 -10.14 2.82 1.26
N SER C 49 -11.35 2.70 0.71
CA SER C 49 -12.30 1.72 1.23
C SER C 49 -13.37 1.45 0.18
N THR C 50 -14.07 0.34 0.37
CA THR C 50 -15.12 -0.11 -0.54
C THR C 50 -16.23 -0.76 0.26
N ILE C 51 -17.48 -0.47 -0.11
CA ILE C 51 -18.65 -1.02 0.55
C ILE C 51 -19.49 -1.78 -0.48
N SER C 52 -20.02 -2.93 -0.07
CA SER C 52 -20.83 -3.76 -0.96
C SER C 52 -22.15 -3.05 -1.25
N PRO C 53 -22.89 -3.51 -2.29
CA PRO C 53 -24.09 -2.76 -2.72
C PRO C 53 -25.09 -2.46 -1.61
N ILE C 54 -25.39 -3.40 -0.72
CA ILE C 54 -26.31 -3.15 0.38
C ILE C 54 -25.60 -2.95 1.71
N GLY C 55 -24.28 -3.12 1.75
CA GLY C 55 -23.53 -2.88 2.95
C GLY C 55 -23.09 -4.12 3.70
N THR C 56 -23.23 -5.30 3.10
CA THR C 56 -22.85 -6.54 3.80
C THR C 56 -21.34 -6.60 4.05
N TYR C 57 -20.55 -6.16 3.08
CA TYR C 57 -19.10 -6.21 3.17
C TYR C 57 -18.52 -4.80 3.12
N THR C 58 -17.57 -4.53 4.01
CA THR C 58 -16.83 -3.28 4.00
C THR C 58 -15.34 -3.62 4.04
N TYR C 59 -14.58 -3.00 3.15
CA TYR C 59 -13.14 -3.21 3.05
C TYR C 59 -12.43 -1.90 3.26
N TYR C 60 -11.20 -1.96 3.77
CA TYR C 60 -10.44 -0.76 4.09
C TYR C 60 -8.97 -1.01 3.76
N ALA C 61 -8.29 0.06 3.35
CA ALA C 61 -6.84 0.02 3.25
C ALA C 61 -6.24 -0.07 4.65
N ASP C 62 -5.03 -0.63 4.73
CA ASP C 62 -4.42 -0.89 6.03
C ASP C 62 -4.16 0.41 6.80
N SER C 63 -3.83 1.49 6.10
CA SER C 63 -3.49 2.74 6.76
C SER C 63 -4.69 3.45 7.36
N VAL C 64 -5.91 3.01 7.04
CA VAL C 64 -7.14 3.63 7.55
C VAL C 64 -7.99 2.64 8.32
N LYS C 65 -7.58 1.38 8.42
CA LYS C 65 -8.37 0.38 9.13
C LYS C 65 -8.55 0.78 10.59
N GLY C 66 -9.79 0.70 11.08
CA GLY C 66 -10.11 1.10 12.42
C GLY C 66 -10.33 2.59 12.62
N ARG C 67 -9.75 3.43 11.78
CA ARG C 67 -9.95 4.87 11.86
C ARG C 67 -11.07 5.37 10.97
N PHE C 68 -11.21 4.82 9.77
CA PHE C 68 -12.25 5.22 8.84
C PHE C 68 -13.41 4.24 8.86
N THR C 69 -14.61 4.74 8.54
CA THR C 69 -15.81 3.91 8.47
C THR C 69 -16.62 4.32 7.25
N ILE C 70 -16.80 3.38 6.33
CA ILE C 70 -17.59 3.61 5.13
C ILE C 70 -19.02 3.16 5.38
N SER C 71 -19.98 3.88 4.80
CA SER C 71 -21.39 3.53 4.92
C SER C 71 -22.13 4.15 3.75
N ARG C 72 -23.34 3.62 3.50
CA ARG C 72 -24.15 4.11 2.41
C ARG C 72 -25.61 4.15 2.83
N ASP C 73 -26.36 5.04 2.19
CA ASP C 73 -27.80 5.18 2.42
C ASP C 73 -28.48 5.01 1.05
N ASN C 74 -28.84 3.77 0.72
CA ASN C 74 -29.46 3.50 -0.57
C ASN C 74 -30.79 4.21 -0.73
N SER C 75 -31.45 4.56 0.38
CA SER C 75 -32.69 5.34 0.31
C SER C 75 -32.50 6.67 -0.40
N LYS C 76 -31.30 7.25 -0.38
CA LYS C 76 -31.05 8.56 -0.97
C LYS C 76 -29.88 8.58 -1.94
N ASN C 77 -29.32 7.42 -2.28
CA ASN C 77 -28.20 7.31 -3.23
C ASN C 77 -27.00 8.14 -2.75
N THR C 78 -26.66 7.98 -1.48
CA THR C 78 -25.60 8.76 -0.86
C THR C 78 -24.58 7.83 -0.22
N LEU C 79 -23.30 8.08 -0.51
CA LEU C 79 -22.19 7.38 0.10
C LEU C 79 -21.57 8.26 1.19
N TYR C 80 -21.10 7.61 2.26
CA TYR C 80 -20.54 8.32 3.40
C TYR C 80 -19.16 7.79 3.73
N LEU C 81 -18.36 8.65 4.36
CA LEU C 81 -17.04 8.27 4.86
C LEU C 81 -16.78 9.02 6.14
N GLN C 82 -16.85 8.31 7.27
CA GLN C 82 -16.54 8.88 8.57
C GLN C 82 -15.05 8.68 8.84
N MET C 83 -14.33 9.79 9.01
CA MET C 83 -12.88 9.75 9.22
C MET C 83 -12.57 10.24 10.63
N ASN C 84 -11.95 9.37 11.42
CA ASN C 84 -11.59 9.66 12.80
C ASN C 84 -10.07 9.59 12.96
N SER C 85 -9.56 10.31 13.95
CA SER C 85 -8.13 10.32 14.26
C SER C 85 -7.30 10.67 13.02
N LEU C 86 -7.63 11.82 12.43
CA LEU C 86 -6.99 12.21 11.19
C LEU C 86 -5.54 12.61 11.43
N ARG C 87 -4.65 12.12 10.59
CA ARG C 87 -3.23 12.41 10.65
C ARG C 87 -2.84 13.29 9.47
N ALA C 88 -1.63 13.86 9.55
CA ALA C 88 -1.14 14.70 8.46
C ALA C 88 -0.99 13.92 7.17
N GLU C 89 -0.74 12.61 7.26
CA GLU C 89 -0.63 11.78 6.07
C GLU C 89 -1.96 11.52 5.39
N ASP C 90 -3.08 11.83 6.04
CA ASP C 90 -4.40 11.68 5.43
C ASP C 90 -4.76 12.84 4.52
N THR C 91 -3.93 13.88 4.44
CA THR C 91 -4.21 15.03 3.59
C THR C 91 -4.19 14.60 2.13
N ALA C 92 -5.34 14.73 1.46
CA ALA C 92 -5.49 14.27 0.09
C ALA C 92 -6.82 14.78 -0.44
N VAL C 93 -6.95 14.73 -1.78
CA VAL C 93 -8.24 14.93 -2.42
C VAL C 93 -8.98 13.61 -2.40
N TYR C 94 -10.17 13.59 -1.80
CA TYR C 94 -10.94 12.37 -1.64
C TYR C 94 -12.01 12.28 -2.72
N TYR C 95 -11.95 11.22 -3.52
CA TYR C 95 -12.82 11.06 -4.68
C TYR C 95 -13.88 10.00 -4.41
N CYS C 96 -15.10 10.29 -4.84
CA CYS C 96 -16.19 9.33 -4.81
C CYS C 96 -16.16 8.50 -6.09
N ALA C 97 -16.30 7.18 -5.97
CA ALA C 97 -16.16 6.27 -7.09
C ALA C 97 -17.35 5.31 -7.15
N LYS C 98 -17.77 4.98 -8.37
CA LYS C 98 -18.84 4.02 -8.60
C LYS C 98 -18.22 2.68 -8.97
N GLY C 99 -18.55 1.63 -8.23
CA GLY C 99 -17.97 0.33 -8.45
C GLY C 99 -18.41 -0.33 -9.74
N SER C 100 -17.59 -1.30 -10.17
CA SER C 100 -17.82 -2.07 -11.37
C SER C 100 -17.51 -3.53 -11.08
N TYR C 101 -18.12 -4.43 -11.87
CA TYR C 101 -17.86 -5.86 -11.76
C TYR C 101 -16.96 -6.39 -12.87
N SER C 102 -16.43 -5.53 -13.73
CA SER C 102 -15.61 -5.97 -14.84
C SER C 102 -14.16 -6.14 -14.42
N ARG C 103 -13.48 -7.09 -15.07
CA ARG C 103 -12.11 -7.42 -14.68
C ARG C 103 -11.20 -6.23 -14.90
N GLY C 104 -10.35 -5.95 -13.91
CA GLY C 104 -9.39 -4.87 -14.03
C GLY C 104 -9.93 -3.51 -13.65
N THR C 105 -11.18 -3.43 -13.19
CA THR C 105 -11.81 -2.16 -12.86
C THR C 105 -12.71 -2.38 -11.66
N PRO C 106 -12.24 -2.02 -10.46
CA PRO C 106 -13.14 -2.03 -9.29
C PRO C 106 -14.09 -0.84 -9.30
N PHE C 107 -13.74 0.23 -10.01
CA PHE C 107 -14.61 1.37 -10.22
C PHE C 107 -14.37 1.88 -11.64
N ASP C 108 -15.45 2.31 -12.31
CA ASP C 108 -15.34 2.81 -13.66
C ASP C 108 -15.52 4.32 -13.78
N TYR C 109 -16.05 4.99 -12.76
CA TYR C 109 -16.22 6.43 -12.77
C TYR C 109 -15.91 6.97 -11.38
N TRP C 110 -15.22 8.11 -11.32
CA TRP C 110 -15.06 8.82 -10.06
C TRP C 110 -15.33 10.30 -10.28
N GLY C 111 -15.82 10.95 -9.22
CA GLY C 111 -16.33 12.30 -9.31
C GLY C 111 -15.30 13.38 -8.98
N GLN C 112 -15.81 14.59 -8.81
CA GLN C 112 -15.00 15.76 -8.47
C GLN C 112 -14.65 15.68 -6.98
N GLY C 113 -13.40 15.30 -6.71
CA GLY C 113 -12.96 15.14 -5.33
C GLY C 113 -13.15 16.39 -4.49
N THR C 114 -13.18 16.17 -3.17
CA THR C 114 -13.23 17.25 -2.20
C THR C 114 -11.96 17.18 -1.37
N LEU C 115 -11.35 18.34 -1.12
CA LEU C 115 -10.04 18.40 -0.51
C LEU C 115 -10.13 18.36 1.01
N VAL C 116 -9.32 17.50 1.62
CA VAL C 116 -9.20 17.40 3.07
C VAL C 116 -7.73 17.61 3.42
N THR C 117 -7.45 18.62 4.23
CA THR C 117 -6.10 18.92 4.69
C THR C 117 -6.05 18.88 6.20
N VAL C 118 -4.98 18.29 6.73
CA VAL C 118 -4.77 18.18 8.17
C VAL C 118 -3.61 19.09 8.54
N SER C 119 -3.89 20.10 9.35
CA SER C 119 -2.85 21.04 9.76
C SER C 119 -1.81 20.33 10.62
N SER C 120 -0.61 20.90 10.64
CA SER C 120 0.49 20.34 11.41
C SER C 120 1.12 21.41 12.30
C10 L6H D . 16.40 12.34 4.89
C15 L6H D . 20.14 13.47 8.07
C17 L6H D . 21.42 14.43 6.04
C17 L6H D . 21.82 13.94 6.28
C20 L6H D . 24.45 16.24 4.96
C20 L6H D . 23.93 13.41 4.28
C21 L6H D . 24.22 17.70 4.57
C21 L6H D . 24.52 12.30 5.16
C24 L6H D . 22.87 16.49 1.72
C24 L6H D . 27.15 12.03 7.75
C01 L6H D . 14.50 11.66 3.35
C02 L6H D . 13.01 11.87 3.11
C03 L6H D . 12.65 13.36 3.00
C04 L6H D . 13.03 14.12 4.29
C05 L6H D . 14.45 13.74 4.80
C06 L6H D . 15.10 12.62 4.37
C08 L6H D . 16.22 14.35 6.23
C09 L6H D . 16.94 13.23 5.82
C11 L6H D . 18.33 12.96 6.40
C16 L6H D . 21.16 14.49 7.54
N07 L6H D . 15.02 14.56 5.72
N14 L6H D . 18.82 13.73 7.53
O12 L6H D . 16.77 15.23 7.16
O13 L6H D . 19.02 12.13 5.92
C18 L6H D . 22.91 14.63 5.71
C18 L6H D . 22.66 14.98 5.52
C23 L6H D . 22.33 16.95 3.07
C23 L6H D . 26.43 11.41 6.55
C25 L6H D . 21.75 16.10 0.76
C25 L6H D . 28.60 12.41 7.41
C27 L6H D . 20.21 14.48 1.92
C27 L6H D . 29.65 12.64 5.13
C29 L6H D . 18.20 15.10 2.99
C29 L6H D . 29.41 11.31 3.21
C33 L6H D . 16.78 14.81 2.44
C33 L6H D . 29.93 11.41 1.76
C34 L6H D . 16.55 18.14 3.45
C34 L6H D . 26.47 10.96 1.33
C35 L6H D . 17.99 17.66 3.29
C35 L6H D . 26.87 11.38 2.75
C36 L6H D . 18.26 16.29 3.94
C36 L6H D . 28.05 10.59 3.32
C37 L6H D . 16.46 15.47 1.10
C37 L6H D . 29.56 12.71 1.03
C38 L6H D . 16.09 16.95 1.22
C38 L6H D . 28.12 12.75 0.51
C39 L6H D . 15.54 17.36 2.59
C39 L6H D . 27.49 11.37 0.26
N22 L6H D . 23.15 18.03 3.62
N22 L6H D . 25.85 12.46 5.72
N26 L6H D . 21.30 14.75 1.00
N26 L6H D . 28.66 13.06 6.11
O19 L6H D . 23.52 15.87 5.94
O19 L6H D . 23.93 14.61 5.02
O28 L6H D . 19.05 15.28 1.88
O28 L6H D . 29.32 12.60 3.77
O30 L6H D . 23.54 13.72 5.27
O30 L6H D . 22.25 16.08 5.36
O31 L6H D . 24.90 18.55 5.01
O31 L6H D . 23.89 11.32 5.37
O32 L6H D . 20.29 13.60 2.70
O32 L6H D . 30.73 12.34 5.49
ZN ZN E . -30.39 -19.09 -30.49
ZN ZN F . -28.33 -27.27 -21.52
ZN ZN G . -7.00 -15.02 -11.87
ZN ZN H . -3.80 -16.61 3.53
ZN ZN I . 6.44 16.15 10.44
ZN ZN J . 19.49 12.88 19.73
ZN ZN K . 20.20 24.47 24.05
ZN ZN L . 26.37 2.62 4.98
S SO4 M . 15.02 13.07 26.96
O1 SO4 M . 14.69 11.82 27.66
O2 SO4 M . 14.65 12.96 25.55
O3 SO4 M . 14.28 14.18 27.57
O4 SO4 M . 16.45 13.33 27.09
S SO4 N . 24.48 15.99 12.86
O1 SO4 N . 24.08 14.60 12.63
O2 SO4 N . 23.98 16.83 11.77
O3 SO4 N . 25.94 16.06 12.91
O4 SO4 N . 23.93 16.45 14.12
CL CL O . -10.89 -9.28 -2.86
S SO4 P . 4.63 -15.35 -11.61
O1 SO4 P . 3.18 -15.59 -11.47
O2 SO4 P . 4.88 -14.58 -12.82
O3 SO4 P . 5.11 -14.61 -10.45
O4 SO4 P . 5.32 -16.63 -11.70
S SO4 Q . 6.51 -4.21 0.19
O1 SO4 Q . 6.70 -5.65 0.31
O2 SO4 Q . 6.39 -3.85 -1.22
O3 SO4 Q . 7.66 -3.52 0.77
O4 SO4 Q . 5.30 -3.81 0.89
#